data_4RHO
#
_entry.id   4RHO
#
_cell.length_a   37.344
_cell.length_b   85.704
_cell.length_c   156.285
_cell.angle_alpha   90.000
_cell.angle_beta   90.000
_cell.angle_gamma   90.000
#
_symmetry.space_group_name_H-M   'P 21 21 21'
#
loop_
_entity.id
_entity.type
_entity.pdbx_description
1 polymer 'Uncharacterized protein'
2 non-polymer 'TRIETHYLENE GLYCOL'
3 water water
#
_entity_poly.entity_id   1
_entity_poly.type   'polypeptide(L)'
_entity_poly.pdbx_seq_one_letter_code
;(MSE)GSDKIHHHHHHENLYFQG(MSE)EIKA(MSE)FRDVSLSSRNFSE(MSE)LSRESKVVAALAAKSPL(MSE)AHA
NWRLKGNSLEEATLYPAFDADGSPSTPALAVLNEEQRGKKHSASHAAIWNGNTRPNEGAS(MSE)SCHVSDEKVLPDRFS
TRLGVPDCYAKSQDLADVVTTIVAAFNPLVVEASPEGYFDKQVFDDKPGVGW(MSE)LYLPKVITQQQVPEARALIPVSA
KGKQTGTIIVSVTDAPFSVDNPEHVAIANRIEIRLVDQDLLPAYVDI
;
_entity_poly.pdbx_strand_id   A,B
#
# COMPACT_ATOMS: atom_id res chain seq x y z
N ASP A 4 12.72 -15.30 -2.42
CA ASP A 4 13.09 -15.81 -1.10
C ASP A 4 11.95 -15.59 -0.10
N LYS A 5 11.47 -14.32 0.03
CA LYS A 5 10.38 -13.97 0.95
C LYS A 5 9.11 -13.61 0.16
N ILE A 6 9.10 -13.87 -1.16
CA ILE A 6 8.02 -13.48 -2.05
C ILE A 6 6.65 -14.18 -1.69
N HIS A 7 6.70 -15.40 -1.14
CA HIS A 7 5.47 -16.15 -0.89
C HIS A 7 5.09 -16.17 0.60
N HIS A 8 6.07 -16.24 1.52
CA HIS A 8 5.75 -16.41 2.95
C HIS A 8 5.50 -15.04 3.66
N HIS A 9 6.14 -13.94 3.19
CA HIS A 9 5.93 -12.61 3.81
C HIS A 9 4.67 -11.94 3.26
N HIS A 10 3.92 -11.23 4.14
CA HIS A 10 2.61 -10.62 3.78
C HIS A 10 2.73 -9.52 2.70
N HIS A 11 3.63 -8.54 2.91
CA HIS A 11 3.68 -7.34 2.07
C HIS A 11 4.54 -7.57 0.79
N HIS A 12 5.22 -8.73 0.69
CA HIS A 12 6.06 -9.03 -0.47
C HIS A 12 5.20 -9.33 -1.73
N GLU A 13 3.86 -9.35 -1.59
CA GLU A 13 2.95 -9.52 -2.74
C GLU A 13 2.91 -8.22 -3.58
N ASN A 14 3.41 -7.10 -3.01
CA ASN A 14 3.43 -5.80 -3.68
C ASN A 14 4.77 -5.62 -4.44
N LEU A 15 5.73 -6.52 -4.21
CA LEU A 15 7.05 -6.42 -4.83
C LEU A 15 7.12 -7.28 -6.10
N TYR A 16 8.03 -6.91 -7.03
CA TYR A 16 8.19 -7.62 -8.30
C TYR A 16 8.91 -8.96 -8.08
N PHE A 17 8.50 -9.99 -8.84
CA PHE A 17 9.11 -11.31 -8.75
C PHE A 17 9.09 -12.00 -10.10
N GLN A 18 9.90 -13.04 -10.27
CA GLN A 18 9.88 -13.83 -11.49
C GLN A 18 8.96 -15.03 -11.31
N GLY A 19 7.83 -15.01 -12.03
CA GLY A 19 6.86 -16.10 -11.95
C GLY A 19 5.51 -15.81 -12.59
N GLU A 21 1.39 -15.26 -12.65
CA GLU A 21 0.44 -14.60 -11.76
C GLU A 21 -0.98 -14.63 -12.34
N ILE A 22 -1.95 -15.15 -11.55
CA ILE A 22 -3.37 -15.20 -11.96
C ILE A 22 -4.19 -14.25 -11.08
N LYS A 23 -4.66 -13.14 -11.65
CA LYS A 23 -5.37 -12.11 -10.91
C LYS A 23 -6.83 -12.04 -11.33
N ALA A 24 -7.76 -12.14 -10.37
CA ALA A 24 -9.19 -12.11 -10.67
C ALA A 24 -9.90 -10.97 -9.92
N PHE A 26 -13.80 -9.79 -8.76
CA PHE A 26 -15.16 -10.27 -8.63
C PHE A 26 -15.99 -9.35 -7.72
N ARG A 27 -17.31 -9.51 -7.75
CA ARG A 27 -18.20 -8.73 -6.90
C ARG A 27 -19.18 -9.65 -6.19
N ASP A 28 -18.85 -10.05 -4.96
CA ASP A 28 -19.72 -10.92 -4.18
C ASP A 28 -20.30 -10.13 -3.01
N VAL A 29 -21.55 -9.67 -3.15
CA VAL A 29 -22.19 -8.81 -2.15
C VAL A 29 -22.47 -9.58 -0.84
N SER A 30 -22.34 -10.92 -0.85
CA SER A 30 -22.61 -11.73 0.33
C SER A 30 -21.31 -12.08 1.09
N LEU A 31 -20.15 -11.66 0.55
CA LEU A 31 -18.85 -12.00 1.15
C LEU A 31 -18.28 -10.79 1.91
N SER A 32 -17.99 -10.97 3.22
CA SER A 32 -17.39 -9.91 4.04
C SER A 32 -15.89 -10.11 4.16
N SER A 33 -15.16 -9.08 4.62
CA SER A 33 -13.71 -9.15 4.81
C SER A 33 -13.35 -9.99 6.06
N ARG A 34 -14.38 -10.37 6.86
CA ARG A 34 -14.14 -11.15 8.08
CA ARG A 34 -14.19 -11.13 8.10
C ARG A 34 -14.59 -12.61 7.89
N ASN A 35 -15.19 -12.93 6.73
CA ASN A 35 -15.62 -14.30 6.43
C ASN A 35 -14.43 -15.14 5.95
N PHE A 36 -13.48 -15.43 6.86
CA PHE A 36 -12.25 -16.16 6.53
C PHE A 36 -12.53 -17.60 6.17
N SER A 37 -13.59 -18.19 6.76
CA SER A 37 -13.95 -19.57 6.51
C SER A 37 -14.35 -19.78 5.04
N GLU A 38 -15.17 -18.86 4.48
CA GLU A 38 -15.57 -18.92 3.08
C GLU A 38 -14.37 -18.63 2.15
N LEU A 40 -11.04 -19.18 2.81
CA LEU A 40 -10.13 -20.35 2.82
C LEU A 40 -10.74 -21.56 2.08
N SER A 41 -12.09 -21.72 2.14
CA SER A 41 -12.75 -22.83 1.43
C SER A 41 -12.69 -22.63 -0.09
N ARG A 42 -12.81 -21.36 -0.56
CA ARG A 42 -12.66 -21.03 -2.00
C ARG A 42 -11.23 -21.22 -2.43
N GLU A 43 -10.27 -20.83 -1.57
CA GLU A 43 -8.84 -21.01 -1.84
C GLU A 43 -8.48 -22.50 -1.89
N SER A 44 -9.17 -23.32 -1.06
CA SER A 44 -8.97 -24.78 -1.02
C SER A 44 -9.34 -25.43 -2.36
N LYS A 45 -10.35 -24.86 -3.06
CA LYS A 45 -10.75 -25.36 -4.38
C LYS A 45 -9.66 -25.05 -5.41
N VAL A 46 -9.06 -23.84 -5.33
CA VAL A 46 -7.97 -23.44 -6.22
C VAL A 46 -6.71 -24.28 -5.92
N VAL A 47 -6.42 -24.50 -4.62
CA VAL A 47 -5.28 -25.34 -4.19
C VAL A 47 -5.47 -26.79 -4.70
N ALA A 48 -6.74 -27.29 -4.71
CA ALA A 48 -7.05 -28.65 -5.20
C ALA A 48 -6.70 -28.80 -6.67
N ALA A 49 -6.93 -27.74 -7.47
CA ALA A 49 -6.58 -27.75 -8.90
C ALA A 49 -5.08 -27.78 -9.11
N LEU A 50 -4.33 -27.10 -8.21
CA LEU A 50 -2.86 -27.09 -8.25
C LEU A 50 -2.30 -28.43 -7.78
N ALA A 51 -2.90 -29.02 -6.72
CA ALA A 51 -2.44 -30.29 -6.14
C ALA A 51 -2.57 -31.44 -7.16
N ALA A 52 -3.54 -31.35 -8.08
CA ALA A 52 -3.73 -32.36 -9.13
C ALA A 52 -2.58 -32.33 -10.14
N LYS A 53 -1.92 -31.16 -10.28
CA LYS A 53 -0.83 -30.98 -11.25
C LYS A 53 0.54 -31.28 -10.60
N SER A 54 0.70 -30.93 -9.31
CA SER A 54 2.00 -31.10 -8.61
C SER A 54 1.80 -31.56 -7.16
N PRO A 55 2.65 -32.50 -6.66
CA PRO A 55 2.53 -32.93 -5.25
C PRO A 55 3.02 -31.87 -4.26
N LEU A 56 3.79 -30.88 -4.76
CA LEU A 56 4.29 -29.77 -3.95
C LEU A 56 3.15 -28.82 -3.54
N ALA A 58 0.09 -29.95 -2.49
CA ALA A 58 -0.82 -30.69 -1.61
C ALA A 58 -1.33 -29.79 -0.45
N HIS A 59 -2.66 -29.90 -0.13
CA HIS A 59 -3.31 -29.06 0.91
C HIS A 59 -2.54 -29.06 2.24
N ALA A 60 -1.99 -30.23 2.64
CA ALA A 60 -1.32 -30.39 3.94
C ALA A 60 -0.07 -29.47 4.09
N ASN A 61 0.55 -29.08 2.95
CA ASN A 61 1.78 -28.27 2.96
C ASN A 61 1.48 -26.78 3.13
N TRP A 62 0.23 -26.36 2.78
CA TRP A 62 -0.13 -24.93 2.77
C TRP A 62 -0.22 -24.35 4.19
N ARG A 63 0.36 -23.15 4.38
CA ARG A 63 0.38 -22.46 5.67
C ARG A 63 -0.11 -21.03 5.50
N LEU A 64 -0.40 -20.35 6.63
CA LEU A 64 -0.69 -18.90 6.60
C LEU A 64 0.59 -18.12 6.36
N LYS A 65 0.49 -16.96 5.69
CA LYS A 65 1.63 -16.05 5.57
C LYS A 65 1.94 -15.41 6.95
N GLY A 66 3.14 -14.86 7.09
CA GLY A 66 3.57 -14.25 8.35
C GLY A 66 4.53 -13.09 8.18
N ASN A 67 4.73 -12.31 9.26
CA ASN A 67 5.68 -11.18 9.26
C ASN A 67 7.13 -11.72 9.34
N SER A 68 7.28 -13.02 9.62
CA SER A 68 8.59 -13.69 9.66
C SER A 68 8.46 -15.11 9.11
N LEU A 69 9.60 -15.72 8.72
CA LEU A 69 9.58 -17.09 8.19
C LEU A 69 9.13 -18.10 9.27
N GLU A 70 9.45 -17.81 10.56
CA GLU A 70 9.09 -18.69 11.66
C GLU A 70 7.56 -18.76 11.83
N GLU A 71 6.87 -17.59 11.88
CA GLU A 71 5.41 -17.57 12.09
C GLU A 71 4.66 -17.88 10.76
N ALA A 72 5.39 -17.94 9.63
CA ALA A 72 4.79 -18.29 8.33
C ALA A 72 4.73 -19.82 8.16
N THR A 73 5.35 -20.57 9.08
CA THR A 73 5.38 -22.04 9.00
C THR A 73 4.64 -22.69 10.19
N LEU A 74 4.05 -21.87 11.08
CA LEU A 74 3.42 -22.37 12.31
C LEU A 74 1.98 -22.89 12.07
N TYR A 75 1.17 -22.16 11.29
CA TYR A 75 -0.25 -22.46 11.17
C TYR A 75 -0.62 -23.05 9.80
N PRO A 76 -1.03 -24.35 9.75
CA PRO A 76 -1.50 -24.92 8.48
C PRO A 76 -2.83 -24.29 8.06
N ALA A 77 -3.00 -24.04 6.76
CA ALA A 77 -4.18 -23.35 6.24
C ALA A 77 -5.42 -24.26 6.28
N PHE A 78 -5.22 -25.58 6.06
CA PHE A 78 -6.35 -26.51 5.94
C PHE A 78 -6.18 -27.72 6.84
N ASP A 79 -7.29 -28.44 7.11
CA ASP A 79 -7.25 -29.74 7.76
C ASP A 79 -6.82 -30.81 6.75
N ALA A 80 -6.67 -32.07 7.21
CA ALA A 80 -6.26 -33.18 6.33
C ALA A 80 -7.27 -33.39 5.18
N ASP A 81 -8.56 -33.04 5.42
CA ASP A 81 -9.62 -33.22 4.42
C ASP A 81 -9.68 -32.02 3.41
N GLY A 82 -8.93 -30.96 3.72
CA GLY A 82 -8.86 -29.79 2.84
C GLY A 82 -9.74 -28.64 3.29
N SER A 83 -10.51 -28.83 4.37
CA SER A 83 -11.38 -27.77 4.89
C SER A 83 -10.55 -26.77 5.71
N PRO A 84 -11.01 -25.49 5.85
CA PRO A 84 -10.23 -24.53 6.67
C PRO A 84 -9.98 -25.06 8.08
N SER A 85 -8.71 -25.01 8.54
CA SER A 85 -8.37 -25.48 9.87
C SER A 85 -8.76 -24.43 10.92
N THR A 86 -9.15 -24.88 12.13
CA THR A 86 -9.57 -23.97 13.19
C THR A 86 -8.37 -23.10 13.69
N PRO A 87 -7.14 -23.68 13.86
CA PRO A 87 -5.99 -22.85 14.28
C PRO A 87 -5.74 -21.69 13.31
N ALA A 88 -5.98 -21.91 12.00
CA ALA A 88 -5.82 -20.86 10.99
C ALA A 88 -6.90 -19.78 11.15
N LEU A 89 -8.17 -20.20 11.34
CA LEU A 89 -9.29 -19.27 11.54
C LEU A 89 -9.14 -18.49 12.85
N ALA A 90 -8.50 -19.11 13.87
CA ALA A 90 -8.28 -18.47 15.17
C ALA A 90 -7.26 -17.34 15.05
N VAL A 91 -6.21 -17.54 14.22
CA VAL A 91 -5.17 -16.55 14.00
C VAL A 91 -5.72 -15.35 13.18
N LEU A 92 -6.46 -15.65 12.10
CA LEU A 92 -7.03 -14.62 11.22
C LEU A 92 -8.03 -13.71 11.97
N ASN A 93 -8.82 -14.30 12.89
CA ASN A 93 -9.78 -13.53 13.71
C ASN A 93 -9.04 -12.58 14.67
N GLU A 94 -7.89 -13.03 15.23
CA GLU A 94 -7.14 -12.22 16.20
C GLU A 94 -6.38 -11.07 15.53
N GLU A 95 -5.82 -11.33 14.33
CA GLU A 95 -5.05 -10.30 13.59
C GLU A 95 -6.01 -9.23 13.02
N GLN A 96 -7.28 -9.62 12.76
CA GLN A 96 -8.31 -8.72 12.24
CA GLN A 96 -8.29 -8.70 12.24
C GLN A 96 -8.87 -7.85 13.37
N ARG A 97 -8.79 -8.35 14.62
CA ARG A 97 -9.31 -7.66 15.80
C ARG A 97 -8.74 -6.23 15.91
N GLY A 98 -9.64 -5.25 15.93
CA GLY A 98 -9.26 -3.84 16.02
C GLY A 98 -8.88 -3.22 14.69
N LYS A 99 -8.10 -3.96 13.86
CA LYS A 99 -7.67 -3.48 12.54
C LYS A 99 -8.87 -3.32 11.62
N LYS A 100 -9.29 -2.07 11.37
CA LYS A 100 -10.46 -1.79 10.53
C LYS A 100 -10.10 -1.87 9.04
N HIS A 101 -8.81 -1.69 8.69
CA HIS A 101 -8.38 -1.69 7.29
C HIS A 101 -7.26 -2.71 7.04
N SER A 102 -7.45 -3.57 6.04
CA SER A 102 -6.45 -4.58 5.66
C SER A 102 -6.41 -4.74 4.14
N ALA A 103 -5.20 -4.83 3.56
CA ALA A 103 -5.04 -4.95 2.11
C ALA A 103 -4.77 -6.41 1.69
N SER A 104 -4.87 -7.36 2.64
CA SER A 104 -4.62 -8.79 2.36
C SER A 104 -5.43 -9.67 3.30
N HIS A 105 -6.34 -10.49 2.74
CA HIS A 105 -7.19 -11.36 3.54
C HIS A 105 -6.90 -12.84 3.23
N ALA A 106 -6.89 -13.69 4.29
CA ALA A 106 -6.67 -15.15 4.15
C ALA A 106 -5.44 -15.46 3.23
N ALA A 107 -4.33 -14.71 3.41
CA ALA A 107 -3.13 -14.92 2.62
C ALA A 107 -2.41 -16.21 3.04
N ILE A 108 -2.23 -17.14 2.08
CA ILE A 108 -1.60 -18.44 2.37
C ILE A 108 -0.46 -18.72 1.35
N TRP A 109 0.42 -19.68 1.68
CA TRP A 109 1.50 -20.12 0.81
C TRP A 109 1.75 -21.63 0.98
N ASN A 110 2.33 -22.30 -0.04
CA ASN A 110 2.44 -23.77 -0.05
C ASN A 110 3.57 -24.29 0.91
N GLY A 111 4.14 -23.39 1.71
CA GLY A 111 5.16 -23.75 2.69
C GLY A 111 6.50 -24.15 2.07
N ASN A 112 6.64 -23.95 0.75
CA ASN A 112 7.85 -24.32 0.04
C ASN A 112 8.73 -23.07 -0.21
N THR A 113 9.93 -23.05 0.38
CA THR A 113 10.83 -21.89 0.29
C THR A 113 11.93 -22.10 -0.79
N ARG A 114 11.89 -23.26 -1.49
CA ARG A 114 12.84 -23.54 -2.57
C ARG A 114 12.57 -22.64 -3.78
N PRO A 115 13.63 -22.19 -4.50
CA PRO A 115 13.41 -21.26 -5.62
C PRO A 115 12.53 -21.85 -6.72
N ASN A 116 11.48 -21.10 -7.14
CA ASN A 116 10.57 -21.48 -8.24
C ASN A 116 9.66 -22.69 -7.86
N GLU A 117 9.80 -23.21 -6.62
CA GLU A 117 8.98 -24.35 -6.15
C GLU A 117 7.85 -23.88 -5.20
N GLY A 118 7.84 -22.58 -4.92
CA GLY A 118 6.85 -21.99 -4.01
C GLY A 118 5.60 -21.50 -4.72
N ALA A 119 4.56 -21.23 -3.94
CA ALA A 119 3.29 -20.70 -4.44
C ALA A 119 2.54 -20.00 -3.33
N SER A 120 1.69 -19.02 -3.67
CA SER A 120 0.93 -18.26 -2.69
C SER A 120 -0.34 -17.69 -3.30
N SER A 122 -4.05 -14.94 -2.11
CA SER A 122 -4.70 -14.09 -1.13
C SER A 122 -5.96 -13.47 -1.69
N CYS A 123 -6.87 -13.02 -0.81
CA CYS A 123 -8.09 -12.35 -1.21
C CYS A 123 -8.02 -10.89 -0.81
N HIS A 124 -8.83 -10.05 -1.45
CA HIS A 124 -8.95 -8.64 -1.11
CA HIS A 124 -8.97 -8.64 -1.07
C HIS A 124 -10.43 -8.22 -1.13
N VAL A 125 -11.15 -8.44 -0.03
CA VAL A 125 -12.58 -8.18 0.02
C VAL A 125 -12.84 -6.75 0.53
N SER A 126 -13.63 -5.96 -0.23
CA SER A 126 -14.07 -4.63 0.20
C SER A 126 -15.48 -4.71 0.77
N ASP A 127 -15.69 -4.19 1.98
CA ASP A 127 -16.98 -4.29 2.65
C ASP A 127 -18.01 -3.32 2.05
N GLU A 128 -17.53 -2.18 1.47
CA GLU A 128 -18.44 -1.17 0.90
C GLU A 128 -19.04 -1.65 -0.45
N LYS A 129 -18.33 -2.58 -1.14
CA LYS A 129 -18.80 -3.23 -2.39
C LYS A 129 -18.92 -2.21 -3.56
N VAL A 130 -18.38 -1.00 -3.39
CA VAL A 130 -18.29 -0.03 -4.49
C VAL A 130 -17.11 -0.42 -5.39
N LEU A 131 -15.94 -0.69 -4.76
CA LEU A 131 -14.78 -1.24 -5.46
C LEU A 131 -14.92 -2.78 -5.57
N PRO A 132 -14.35 -3.40 -6.64
CA PRO A 132 -14.52 -4.85 -6.79
C PRO A 132 -13.61 -5.64 -5.83
N ASP A 133 -14.04 -6.85 -5.44
CA ASP A 133 -13.23 -7.74 -4.64
C ASP A 133 -12.15 -8.38 -5.53
N ARG A 134 -11.04 -8.81 -4.94
CA ARG A 134 -9.94 -9.35 -5.74
C ARG A 134 -9.44 -10.68 -5.19
N PHE A 135 -8.90 -11.50 -6.08
CA PHE A 135 -8.19 -12.73 -5.73
C PHE A 135 -7.00 -12.88 -6.63
N SER A 136 -5.86 -13.26 -6.06
CA SER A 136 -4.65 -13.45 -6.85
C SER A 136 -3.88 -14.65 -6.39
N THR A 137 -3.17 -15.31 -7.30
CA THR A 137 -2.32 -16.44 -6.96
C THR A 137 -0.98 -16.34 -7.73
N ARG A 138 0.13 -16.65 -7.06
CA ARG A 138 1.47 -16.61 -7.68
C ARG A 138 2.09 -18.01 -7.63
N LEU A 139 2.62 -18.50 -8.79
CA LEU A 139 3.01 -19.91 -8.94
C LEU A 139 4.53 -20.10 -9.22
N GLY A 140 5.10 -19.20 -10.02
CA GLY A 140 6.51 -19.31 -10.39
C GLY A 140 6.73 -19.34 -11.89
N VAL A 141 8.01 -19.28 -12.34
CA VAL A 141 8.35 -19.25 -13.77
C VAL A 141 7.96 -20.60 -14.44
N PRO A 142 7.15 -20.55 -15.54
CA PRO A 142 6.79 -21.80 -16.23
C PRO A 142 7.99 -22.39 -16.99
N ASP A 143 8.21 -23.71 -16.84
CA ASP A 143 9.30 -24.40 -17.55
C ASP A 143 8.81 -24.95 -18.90
N CYS A 144 9.64 -25.78 -19.57
CA CYS A 144 9.28 -26.36 -20.88
C CYS A 144 8.08 -27.34 -20.75
N TYR A 145 7.89 -27.94 -19.55
CA TYR A 145 6.80 -28.89 -19.31
C TYR A 145 5.52 -28.17 -18.79
N ALA A 146 5.34 -26.89 -19.16
CA ALA A 146 4.15 -26.13 -18.76
C ALA A 146 3.13 -26.05 -19.90
N LYS A 147 2.11 -26.92 -19.86
CA LYS A 147 1.05 -26.94 -20.88
C LYS A 147 0.04 -25.83 -20.64
N SER A 148 -0.53 -25.27 -21.73
CA SER A 148 -1.55 -24.22 -21.62
C SER A 148 -2.86 -24.78 -21.04
N GLN A 149 -3.14 -26.08 -21.30
CA GLN A 149 -4.35 -26.73 -20.79
C GLN A 149 -4.31 -26.81 -19.25
N ASP A 150 -3.11 -27.00 -18.67
CA ASP A 150 -2.93 -27.04 -17.21
C ASP A 150 -3.31 -25.69 -16.59
N LEU A 151 -2.89 -24.55 -17.22
CA LEU A 151 -3.25 -23.21 -16.74
C LEU A 151 -4.75 -22.94 -16.93
N ALA A 152 -5.31 -23.40 -18.06
CA ALA A 152 -6.75 -23.27 -18.33
C ALA A 152 -7.57 -23.95 -17.23
N ASP A 153 -7.09 -25.14 -16.75
CA ASP A 153 -7.77 -25.87 -15.67
C ASP A 153 -7.77 -25.07 -14.37
N VAL A 154 -6.65 -24.40 -14.06
CA VAL A 154 -6.55 -23.60 -12.84
C VAL A 154 -7.45 -22.35 -12.94
N VAL A 155 -7.49 -21.71 -14.13
CA VAL A 155 -8.34 -20.52 -14.37
C VAL A 155 -9.85 -20.91 -14.25
N THR A 156 -10.26 -22.07 -14.85
CA THR A 156 -11.66 -22.53 -14.81
CA THR A 156 -11.66 -22.53 -14.80
C THR A 156 -12.09 -22.79 -13.35
N THR A 157 -11.18 -23.37 -12.54
CA THR A 157 -11.48 -23.63 -11.12
C THR A 157 -11.70 -22.29 -10.38
N ILE A 158 -10.90 -21.25 -10.72
CA ILE A 158 -11.02 -19.91 -10.11
C ILE A 158 -12.35 -19.25 -10.55
N VAL A 159 -12.75 -19.47 -11.82
CA VAL A 159 -14.02 -18.95 -12.34
C VAL A 159 -15.21 -19.57 -11.59
N ALA A 160 -15.13 -20.89 -11.33
CA ALA A 160 -16.21 -21.61 -10.62
C ALA A 160 -16.25 -21.22 -9.13
N ALA A 161 -15.10 -20.84 -8.55
CA ALA A 161 -15.00 -20.54 -7.11
C ALA A 161 -15.33 -19.05 -6.79
N PHE A 162 -15.11 -18.14 -7.74
CA PHE A 162 -15.27 -16.71 -7.46
C PHE A 162 -16.30 -16.03 -8.40
N ASN A 163 -16.75 -16.74 -9.49
CA ASN A 163 -17.65 -16.16 -10.52
C ASN A 163 -17.16 -14.72 -10.91
N PRO A 164 -15.91 -14.60 -11.41
CA PRO A 164 -15.32 -13.26 -11.54
C PRO A 164 -15.81 -12.49 -12.75
N LEU A 165 -15.50 -11.19 -12.78
CA LEU A 165 -15.80 -10.31 -13.91
C LEU A 165 -14.65 -10.30 -14.89
N VAL A 166 -13.46 -10.81 -14.46
CA VAL A 166 -12.25 -10.87 -15.29
C VAL A 166 -11.17 -11.69 -14.57
N VAL A 167 -10.42 -12.50 -15.33
CA VAL A 167 -9.24 -13.20 -14.81
C VAL A 167 -8.05 -12.95 -15.74
N GLU A 168 -6.95 -12.43 -15.20
CA GLU A 168 -5.73 -12.20 -15.98
C GLU A 168 -4.67 -13.22 -15.62
N ALA A 169 -4.10 -13.88 -16.63
CA ALA A 169 -3.02 -14.83 -16.41
C ALA A 169 -1.82 -14.48 -17.28
N SER A 170 -0.71 -14.11 -16.64
CA SER A 170 0.51 -13.70 -17.36
C SER A 170 1.71 -13.70 -16.42
N PRO A 171 2.95 -13.91 -16.96
CA PRO A 171 4.14 -13.80 -16.09
C PRO A 171 4.33 -12.38 -15.60
N GLU A 172 4.88 -12.23 -14.39
CA GLU A 172 5.09 -10.92 -13.81
C GLU A 172 5.95 -10.03 -14.74
N GLY A 173 5.47 -8.82 -14.99
CA GLY A 173 6.15 -7.89 -15.90
C GLY A 173 5.44 -7.70 -17.23
N TYR A 174 4.36 -8.48 -17.49
CA TYR A 174 3.63 -8.36 -18.75
C TYR A 174 2.80 -7.07 -18.80
N PHE A 175 2.36 -6.56 -17.61
CA PHE A 175 1.55 -5.34 -17.55
C PHE A 175 2.25 -4.15 -18.27
N ASP A 176 3.58 -4.06 -18.16
CA ASP A 176 4.33 -2.99 -18.84
C ASP A 176 4.35 -3.20 -20.37
N LYS A 177 3.96 -4.41 -20.84
CA LYS A 177 4.01 -4.76 -22.26
C LYS A 177 2.60 -4.74 -22.91
N GLN A 178 1.51 -4.73 -22.09
CA GLN A 178 0.14 -4.76 -22.64
C GLN A 178 -0.22 -3.40 -23.32
N VAL A 179 -1.06 -3.46 -24.40
CA VAL A 179 -1.41 -2.26 -25.21
C VAL A 179 -2.07 -1.21 -24.33
N PHE A 180 -3.10 -1.61 -23.55
CA PHE A 180 -3.86 -0.65 -22.76
C PHE A 180 -3.58 -0.84 -21.28
N ASP A 181 -3.00 0.19 -20.63
CA ASP A 181 -2.69 0.12 -19.19
C ASP A 181 -3.96 0.35 -18.34
N ASP A 182 -5.03 0.92 -18.96
CA ASP A 182 -6.30 1.20 -18.27
C ASP A 182 -7.29 0.04 -18.45
N LYS A 183 -6.92 -0.99 -19.24
CA LYS A 183 -7.78 -2.15 -19.49
C LYS A 183 -7.02 -3.45 -19.20
N PRO A 184 -7.75 -4.56 -18.89
CA PRO A 184 -7.04 -5.84 -18.62
C PRO A 184 -6.16 -6.29 -19.79
N GLY A 185 -5.07 -7.00 -19.46
CA GLY A 185 -4.17 -7.55 -20.46
C GLY A 185 -4.53 -8.98 -20.81
N VAL A 186 -4.21 -9.40 -22.04
CA VAL A 186 -4.47 -10.76 -22.48
C VAL A 186 -3.39 -11.70 -21.94
N GLY A 187 -2.13 -11.26 -22.00
CA GLY A 187 -0.98 -12.06 -21.55
C GLY A 187 -1.02 -13.45 -22.12
N TRP A 188 -0.88 -14.47 -21.26
CA TRP A 188 -1.04 -15.86 -21.69
C TRP A 188 -2.52 -16.16 -21.93
N LEU A 190 -6.83 -14.74 -20.92
CA LEU A 190 -7.76 -13.76 -20.36
C LEU A 190 -9.17 -14.31 -20.34
N TYR A 191 -9.78 -14.39 -19.14
CA TYR A 191 -11.17 -14.80 -19.01
C TYR A 191 -12.09 -13.59 -18.94
N LEU A 192 -13.17 -13.61 -19.72
CA LEU A 192 -14.20 -12.59 -19.65
C LEU A 192 -15.58 -13.26 -19.60
N PRO A 193 -16.51 -12.77 -18.73
CA PRO A 193 -17.81 -13.46 -18.59
C PRO A 193 -18.74 -13.18 -19.79
N LYS A 194 -18.23 -13.36 -21.00
CA LYS A 194 -18.99 -13.18 -22.23
C LYS A 194 -18.69 -14.30 -23.20
N VAL A 195 -19.63 -14.60 -24.10
CA VAL A 195 -19.40 -15.60 -25.14
C VAL A 195 -18.62 -14.95 -26.28
N ILE A 196 -17.32 -15.28 -26.38
CA ILE A 196 -16.45 -14.69 -27.39
C ILE A 196 -16.15 -15.74 -28.47
N THR A 197 -16.39 -15.39 -29.75
CA THR A 197 -16.31 -16.36 -30.85
C THR A 197 -15.04 -16.16 -31.69
N GLN A 198 -14.77 -17.14 -32.56
CA GLN A 198 -13.66 -17.13 -33.51
C GLN A 198 -13.80 -15.97 -34.50
N GLN A 199 -15.05 -15.66 -34.90
CA GLN A 199 -15.35 -14.55 -35.82
C GLN A 199 -14.97 -13.20 -35.18
N GLN A 200 -15.12 -13.08 -33.84
CA GLN A 200 -14.79 -11.85 -33.13
C GLN A 200 -13.29 -11.69 -32.94
N VAL A 201 -12.59 -12.78 -32.54
CA VAL A 201 -11.14 -12.71 -32.27
C VAL A 201 -10.41 -13.79 -33.10
N PRO A 202 -10.11 -13.50 -34.39
CA PRO A 202 -9.49 -14.55 -35.23
C PRO A 202 -7.99 -14.75 -34.91
N GLU A 203 -7.38 -13.83 -34.12
CA GLU A 203 -5.96 -13.94 -33.72
C GLU A 203 -5.76 -14.95 -32.57
N ALA A 204 -6.82 -15.20 -31.77
CA ALA A 204 -6.73 -16.08 -30.60
C ALA A 204 -6.30 -17.50 -30.99
N ARG A 205 -5.31 -18.06 -30.27
CA ARG A 205 -4.82 -19.42 -30.54
C ARG A 205 -5.79 -20.46 -30.00
N ALA A 206 -6.59 -20.08 -28.99
CA ALA A 206 -7.64 -20.94 -28.44
C ALA A 206 -8.72 -20.12 -27.74
N LEU A 207 -9.97 -20.55 -27.86
CA LEU A 207 -11.10 -19.93 -27.18
C LEU A 207 -11.85 -20.97 -26.39
N ILE A 208 -11.49 -21.12 -25.11
CA ILE A 208 -12.04 -22.17 -24.26
C ILE A 208 -13.34 -21.70 -23.60
N PRO A 209 -14.50 -22.31 -23.97
CA PRO A 209 -15.76 -21.93 -23.32
C PRO A 209 -15.82 -22.41 -21.88
N VAL A 210 -16.29 -21.56 -20.96
CA VAL A 210 -16.46 -21.94 -19.56
C VAL A 210 -17.96 -22.05 -19.25
N SER A 211 -18.42 -23.24 -18.89
CA SER A 211 -19.85 -23.50 -18.67
C SER A 211 -20.20 -23.54 -17.20
N ALA A 212 -21.42 -23.09 -16.86
CA ALA A 212 -21.96 -23.15 -15.50
C ALA A 212 -23.45 -22.89 -15.52
N LYS A 213 -24.21 -23.62 -14.67
CA LYS A 213 -25.65 -23.44 -14.51
C LYS A 213 -26.40 -23.47 -15.89
N GLY A 214 -26.03 -24.46 -16.72
CA GLY A 214 -26.75 -24.76 -17.95
C GLY A 214 -26.52 -23.81 -19.13
N LYS A 215 -25.37 -23.10 -19.13
CA LYS A 215 -25.02 -22.21 -20.26
C LYS A 215 -23.54 -21.80 -20.21
N GLN A 216 -23.02 -21.25 -21.33
CA GLN A 216 -21.66 -20.74 -21.36
C GLN A 216 -21.59 -19.44 -20.57
N THR A 217 -20.85 -19.47 -19.46
CA THR A 217 -20.73 -18.31 -18.59
C THR A 217 -19.72 -17.28 -19.18
N GLY A 218 -18.63 -17.79 -19.73
CA GLY A 218 -17.58 -16.94 -20.30
C GLY A 218 -16.66 -17.66 -21.24
N THR A 219 -15.56 -17.02 -21.59
CA THR A 219 -14.58 -17.59 -22.51
C THR A 219 -13.17 -17.28 -22.05
N ILE A 220 -12.27 -18.27 -22.08
CA ILE A 220 -10.85 -18.02 -21.85
C ILE A 220 -10.17 -17.79 -23.19
N ILE A 221 -9.54 -16.62 -23.36
CA ILE A 221 -8.84 -16.29 -24.58
C ILE A 221 -7.35 -16.62 -24.43
N VAL A 222 -6.83 -17.50 -25.30
CA VAL A 222 -5.43 -17.94 -25.20
C VAL A 222 -4.60 -17.37 -26.37
N SER A 223 -3.45 -16.75 -26.06
CA SER A 223 -2.59 -16.15 -27.07
C SER A 223 -1.55 -17.14 -27.58
N VAL A 224 -1.02 -17.99 -26.68
CA VAL A 224 0.04 -18.94 -27.02
C VAL A 224 -0.33 -20.35 -26.53
N THR A 225 -0.26 -21.36 -27.41
CA THR A 225 -0.60 -22.74 -27.07
C THR A 225 0.55 -23.71 -27.38
N ASP A 226 1.59 -23.24 -28.11
CA ASP A 226 2.69 -24.11 -28.55
C ASP A 226 3.81 -24.19 -27.48
N ALA A 227 3.88 -23.20 -26.58
CA ALA A 227 4.91 -23.15 -25.56
C ALA A 227 4.46 -22.29 -24.37
N PRO A 228 5.16 -22.37 -23.21
CA PRO A 228 4.81 -21.47 -22.09
C PRO A 228 5.02 -20.00 -22.47
N PHE A 229 4.05 -19.14 -22.14
CA PHE A 229 4.13 -17.72 -22.48
C PHE A 229 5.34 -17.07 -21.83
N SER A 230 6.16 -16.36 -22.63
CA SER A 230 7.33 -15.67 -22.12
C SER A 230 7.24 -14.17 -22.42
N VAL A 231 7.45 -13.34 -21.39
CA VAL A 231 7.46 -11.89 -21.55
C VAL A 231 8.71 -11.47 -22.35
N ASP A 232 9.76 -12.32 -22.30
CA ASP A 232 11.01 -12.08 -23.02
C ASP A 232 10.90 -12.45 -24.53
N ASN A 233 9.82 -13.16 -24.91
CA ASN A 233 9.59 -13.53 -26.31
C ASN A 233 8.75 -12.43 -27.03
N PRO A 234 9.36 -11.66 -27.98
CA PRO A 234 8.61 -10.57 -28.63
C PRO A 234 7.40 -11.08 -29.46
N GLU A 235 7.45 -12.35 -29.92
CA GLU A 235 6.34 -12.94 -30.68
C GLU A 235 5.13 -13.20 -29.76
N HIS A 236 5.37 -13.69 -28.53
CA HIS A 236 4.31 -13.94 -27.56
C HIS A 236 3.62 -12.62 -27.16
N VAL A 237 4.42 -11.57 -26.93
CA VAL A 237 3.90 -10.26 -26.56
C VAL A 237 3.09 -9.64 -27.75
N ALA A 238 3.62 -9.77 -28.98
CA ALA A 238 2.99 -9.18 -30.18
C ALA A 238 1.60 -9.79 -30.46
N ILE A 239 1.43 -11.11 -30.26
CA ILE A 239 0.15 -11.75 -30.53
C ILE A 239 -0.86 -11.42 -29.37
N ALA A 240 -0.38 -11.36 -28.11
CA ALA A 240 -1.22 -10.95 -27.00
C ALA A 240 -1.66 -9.50 -27.17
N ASN A 241 -0.75 -8.63 -27.71
CA ASN A 241 -1.05 -7.24 -28.00
C ASN A 241 -2.11 -7.12 -29.11
N ARG A 242 -1.97 -7.92 -30.21
CA ARG A 242 -2.94 -7.94 -31.31
C ARG A 242 -4.33 -8.34 -30.82
N ILE A 243 -4.41 -9.33 -29.91
CA ILE A 243 -5.69 -9.80 -29.36
C ILE A 243 -6.34 -8.68 -28.51
N GLU A 244 -5.51 -7.94 -27.72
CA GLU A 244 -6.01 -6.81 -26.90
C GLU A 244 -6.64 -5.73 -27.80
N ILE A 245 -5.96 -5.38 -28.90
CA ILE A 245 -6.45 -4.39 -29.86
C ILE A 245 -7.78 -4.88 -30.50
N ARG A 246 -7.84 -6.17 -30.87
CA ARG A 246 -9.05 -6.76 -31.47
C ARG A 246 -10.25 -6.68 -30.48
N LEU A 247 -10.02 -7.05 -29.20
CA LEU A 247 -11.06 -7.06 -28.17
C LEU A 247 -11.61 -5.65 -27.92
N VAL A 248 -10.74 -4.62 -27.94
CA VAL A 248 -11.17 -3.25 -27.69
C VAL A 248 -11.95 -2.73 -28.91
N ASP A 249 -11.47 -3.05 -30.12
CA ASP A 249 -12.11 -2.62 -31.37
C ASP A 249 -13.61 -3.05 -31.45
N GLN A 250 -13.97 -4.16 -30.77
CA GLN A 250 -15.35 -4.67 -30.76
C GLN A 250 -16.04 -4.41 -29.41
N ASP A 251 -15.49 -3.47 -28.59
CA ASP A 251 -16.03 -3.12 -27.25
C ASP A 251 -16.27 -4.38 -26.39
N LEU A 252 -15.26 -5.28 -26.32
CA LEU A 252 -15.35 -6.49 -25.51
C LEU A 252 -14.45 -6.40 -24.28
N LEU A 253 -13.54 -5.41 -24.26
CA LEU A 253 -12.61 -5.25 -23.17
C LEU A 253 -12.98 -4.03 -22.30
N PRO A 254 -13.45 -4.26 -21.06
CA PRO A 254 -13.85 -3.12 -20.21
C PRO A 254 -12.64 -2.44 -19.58
N ALA A 255 -12.81 -1.19 -19.12
CA ALA A 255 -11.75 -0.49 -18.37
C ALA A 255 -11.74 -0.96 -16.93
N TYR A 256 -10.53 -1.03 -16.32
CA TYR A 256 -10.39 -1.44 -14.91
C TYR A 256 -11.37 -0.67 -13.99
N VAL A 257 -11.51 0.64 -14.24
CA VAL A 257 -12.35 1.52 -13.41
C VAL A 257 -13.85 1.16 -13.58
N ASP A 258 -14.24 0.65 -14.76
CA ASP A 258 -15.65 0.36 -15.07
C ASP A 258 -16.08 -1.03 -14.52
N ILE A 259 -15.11 -1.88 -14.10
CA ILE A 259 -15.41 -3.22 -13.61
C ILE A 259 -16.12 -3.15 -12.23
N SER B 3 6.88 28.84 -4.94
CA SER B 3 6.15 28.23 -6.06
C SER B 3 4.73 27.83 -5.63
N ASP B 4 3.75 28.03 -6.54
CA ASP B 4 2.34 27.70 -6.25
C ASP B 4 2.08 26.18 -6.37
N LYS B 5 3.02 25.43 -6.97
CA LYS B 5 2.84 24.01 -7.23
C LYS B 5 3.46 23.16 -6.11
N ILE B 6 3.97 23.80 -5.04
CA ILE B 6 4.70 23.12 -3.99
C ILE B 6 3.78 22.14 -3.16
N HIS B 7 2.46 22.34 -3.20
CA HIS B 7 1.56 21.50 -2.42
C HIS B 7 0.71 20.57 -3.31
N HIS B 8 0.24 21.06 -4.48
CA HIS B 8 -0.70 20.27 -5.29
C HIS B 8 0.02 19.24 -6.22
N HIS B 9 1.25 19.57 -6.72
CA HIS B 9 2.00 18.65 -7.59
CA HIS B 9 2.01 18.65 -7.59
C HIS B 9 2.72 17.58 -6.76
N HIS B 10 2.74 16.33 -7.27
CA HIS B 10 3.33 15.17 -6.57
C HIS B 10 4.83 15.36 -6.26
N HIS B 11 5.64 15.60 -7.30
CA HIS B 11 7.09 15.55 -7.18
C HIS B 11 7.67 16.85 -6.56
N HIS B 12 6.84 17.89 -6.37
CA HIS B 12 7.31 19.15 -5.81
C HIS B 12 7.63 19.03 -4.30
N GLU B 13 7.36 17.84 -3.69
CA GLU B 13 7.75 17.57 -2.29
C GLU B 13 9.29 17.39 -2.17
N ASN B 14 9.98 17.17 -3.32
CA ASN B 14 11.42 16.99 -3.36
C ASN B 14 12.14 18.33 -3.55
N LEU B 15 11.39 19.39 -3.87
CA LEU B 15 11.96 20.71 -4.13
C LEU B 15 11.95 21.57 -2.87
N TYR B 16 12.88 22.55 -2.79
CA TYR B 16 12.98 23.45 -1.65
C TYR B 16 11.84 24.46 -1.64
N PHE B 17 11.30 24.77 -0.45
CA PHE B 17 10.20 25.74 -0.32
C PHE B 17 10.30 26.48 0.99
N GLN B 18 9.60 27.60 1.12
CA GLN B 18 9.56 28.35 2.36
C GLN B 18 8.35 27.91 3.17
N GLY B 19 8.59 27.22 4.28
CA GLY B 19 7.52 26.74 5.15
C GLY B 19 7.92 25.76 6.23
N GLU B 21 8.02 22.11 8.22
CA GLU B 21 8.06 20.68 7.86
C GLU B 21 8.02 19.81 9.10
N ILE B 22 7.10 18.82 9.15
CA ILE B 22 7.08 17.82 10.23
C ILE B 22 7.34 16.44 9.61
N LYS B 23 8.54 15.88 9.86
CA LYS B 23 8.93 14.61 9.24
C LYS B 23 9.06 13.52 10.30
N ALA B 24 8.37 12.38 10.10
CA ALA B 24 8.38 11.29 11.05
C ALA B 24 8.88 9.98 10.42
N PHE B 26 8.84 5.80 11.09
CA PHE B 26 8.21 4.77 11.90
C PHE B 26 8.41 3.40 11.28
N ARG B 27 8.15 2.34 12.05
CA ARG B 27 8.24 0.97 11.55
C ARG B 27 6.98 0.20 11.91
N ASP B 28 6.03 0.14 10.97
CA ASP B 28 4.78 -0.59 11.18
C ASP B 28 4.76 -1.82 10.29
N VAL B 29 5.09 -2.99 10.87
CA VAL B 29 5.21 -4.25 10.11
C VAL B 29 3.84 -4.72 9.57
N SER B 30 2.73 -4.12 10.04
CA SER B 30 1.40 -4.52 9.60
C SER B 30 0.85 -3.59 8.48
N LEU B 31 1.62 -2.55 8.12
CA LEU B 31 1.19 -1.57 7.12
C LEU B 31 1.87 -1.83 5.76
N SER B 32 1.07 -2.04 4.70
CA SER B 32 1.59 -2.23 3.35
C SER B 32 1.53 -0.93 2.55
N SER B 33 2.26 -0.87 1.41
CA SER B 33 2.26 0.32 0.54
C SER B 33 0.94 0.43 -0.26
N ARG B 34 0.09 -0.62 -0.20
CA ARG B 34 -1.18 -0.63 -0.92
C ARG B 34 -2.38 -0.41 0.04
N ASN B 35 -2.12 -0.34 1.35
CA ASN B 35 -3.16 -0.12 2.35
C ASN B 35 -3.50 1.39 2.44
N PHE B 36 -4.09 1.95 1.34
CA PHE B 36 -4.39 3.39 1.25
C PHE B 36 -5.45 3.81 2.24
N SER B 37 -6.38 2.89 2.58
CA SER B 37 -7.46 3.17 3.50
C SER B 37 -6.91 3.49 4.90
N GLU B 38 -5.94 2.68 5.38
CA GLU B 38 -5.29 2.92 6.68
C GLU B 38 -4.43 4.19 6.63
N LEU B 40 -4.85 6.98 4.64
CA LEU B 40 -5.74 8.15 4.62
C LEU B 40 -6.45 8.34 5.99
N SER B 41 -6.77 7.23 6.70
CA SER B 41 -7.42 7.34 8.02
C SER B 41 -6.44 7.93 9.06
N ARG B 42 -5.13 7.55 8.96
CA ARG B 42 -4.09 8.11 9.85
C ARG B 42 -3.84 9.56 9.52
N GLU B 43 -3.83 9.90 8.21
CA GLU B 43 -3.67 11.28 7.74
C GLU B 43 -4.89 12.14 8.16
N SER B 44 -6.08 11.50 8.24
CA SER B 44 -7.32 12.17 8.66
C SER B 44 -7.24 12.63 10.12
N LYS B 45 -6.52 11.86 10.97
CA LYS B 45 -6.29 12.22 12.38
C LYS B 45 -5.38 13.43 12.47
N VAL B 46 -4.33 13.48 11.62
CA VAL B 46 -3.40 14.60 11.57
C VAL B 46 -4.12 15.85 11.02
N VAL B 47 -4.96 15.67 9.97
CA VAL B 47 -5.75 16.76 9.39
C VAL B 47 -6.73 17.33 10.46
N ALA B 48 -7.29 16.43 11.31
CA ALA B 48 -8.22 16.84 12.37
C ALA B 48 -7.54 17.77 13.37
N ALA B 49 -6.25 17.52 13.68
CA ALA B 49 -5.48 18.36 14.59
C ALA B 49 -5.23 19.74 13.97
N LEU B 50 -5.02 19.78 12.63
CA LEU B 50 -4.82 21.04 11.90
C LEU B 50 -6.12 21.81 11.78
N ALA B 51 -7.25 21.10 11.52
CA ALA B 51 -8.58 21.71 11.35
C ALA B 51 -9.04 22.42 12.63
N ALA B 52 -8.60 21.91 13.81
CA ALA B 52 -8.93 22.52 15.10
C ALA B 52 -8.27 23.89 15.26
N LYS B 53 -7.14 24.11 14.57
CA LYS B 53 -6.39 25.36 14.69
C LYS B 53 -6.78 26.36 13.58
N SER B 54 -7.13 25.85 12.37
CA SER B 54 -7.46 26.71 11.24
C SER B 54 -8.62 26.15 10.42
N PRO B 55 -9.56 27.03 9.97
CA PRO B 55 -10.68 26.54 9.13
C PRO B 55 -10.23 26.19 7.71
N LEU B 56 -9.04 26.68 7.30
CA LEU B 56 -8.46 26.39 5.98
C LEU B 56 -8.03 24.91 5.88
N ALA B 58 -9.88 22.33 7.13
CA ALA B 58 -11.08 21.45 7.23
C ALA B 58 -10.98 20.26 6.27
N HIS B 59 -11.40 19.05 6.74
CA HIS B 59 -11.30 17.79 5.97
C HIS B 59 -11.89 17.91 4.55
N ALA B 60 -13.02 18.64 4.41
CA ALA B 60 -13.75 18.76 3.14
C ALA B 60 -12.89 19.43 2.03
N ASN B 61 -11.91 20.26 2.43
CA ASN B 61 -11.09 21.02 1.47
C ASN B 61 -9.95 20.17 0.90
N TRP B 62 -9.58 19.08 1.60
CA TRP B 62 -8.42 18.28 1.23
C TRP B 62 -8.68 17.44 -0.04
N ARG B 63 -7.71 17.46 -0.97
CA ARG B 63 -7.79 16.72 -2.24
C ARG B 63 -6.56 15.87 -2.41
N LEU B 64 -6.61 14.88 -3.31
CA LEU B 64 -5.42 14.14 -3.72
C LEU B 64 -4.50 15.04 -4.52
N LYS B 65 -3.19 14.80 -4.45
CA LYS B 65 -2.24 15.50 -5.32
C LYS B 65 -2.38 15.00 -6.76
N GLY B 66 -1.89 15.78 -7.71
CA GLY B 66 -1.99 15.43 -9.13
C GLY B 66 -0.82 15.90 -9.97
N ASN B 67 -0.72 15.39 -11.20
CA ASN B 67 0.32 15.79 -12.15
C ASN B 67 0.02 17.18 -12.73
N SER B 68 -1.21 17.68 -12.48
CA SER B 68 -1.63 19.02 -12.91
C SER B 68 -2.54 19.64 -11.85
N LEU B 69 -2.72 20.98 -11.88
CA LEU B 69 -3.59 21.65 -10.90
C LEU B 69 -5.07 21.22 -11.08
N GLU B 70 -5.47 20.91 -12.33
CA GLU B 70 -6.84 20.49 -12.63
C GLU B 70 -7.17 19.14 -11.95
N GLU B 71 -6.28 18.12 -12.12
CA GLU B 71 -6.54 16.80 -11.54
C GLU B 71 -6.18 16.76 -10.02
N ALA B 72 -5.55 17.84 -9.51
CA ALA B 72 -5.23 17.94 -8.09
C ALA B 72 -6.43 18.50 -7.29
N THR B 73 -7.49 18.95 -8.00
CA THR B 73 -8.67 19.52 -7.37
C THR B 73 -9.94 18.64 -7.64
N LEU B 74 -9.77 17.50 -8.33
CA LEU B 74 -10.90 16.66 -8.74
C LEU B 74 -11.37 15.71 -7.62
N TYR B 75 -10.41 15.07 -6.90
CA TYR B 75 -10.77 14.01 -5.96
C TYR B 75 -10.59 14.43 -4.50
N PRO B 76 -11.70 14.58 -3.74
CA PRO B 76 -11.57 14.88 -2.30
C PRO B 76 -10.98 13.69 -1.55
N ALA B 77 -10.08 13.96 -0.58
CA ALA B 77 -9.38 12.91 0.15
C ALA B 77 -10.31 12.18 1.11
N PHE B 78 -11.28 12.89 1.71
CA PHE B 78 -12.14 12.32 2.75
C PHE B 78 -13.61 12.55 2.46
N ASP B 79 -14.50 11.76 3.12
CA ASP B 79 -15.93 12.00 3.12
C ASP B 79 -16.26 13.15 4.08
N ALA B 80 -17.54 13.56 4.15
CA ALA B 80 -17.97 14.64 5.04
C ALA B 80 -17.67 14.31 6.53
N ASP B 81 -17.65 13.00 6.87
CA ASP B 81 -17.40 12.56 8.25
C ASP B 81 -15.88 12.47 8.56
N GLY B 82 -15.04 12.61 7.52
CA GLY B 82 -13.59 12.58 7.68
C GLY B 82 -12.95 11.26 7.35
N SER B 83 -13.77 10.24 7.02
CA SER B 83 -13.24 8.93 6.64
C SER B 83 -12.72 8.95 5.20
N PRO B 84 -11.77 8.04 4.83
CA PRO B 84 -11.29 8.03 3.43
C PRO B 84 -12.45 7.89 2.44
N SER B 85 -12.51 8.77 1.41
CA SER B 85 -13.56 8.70 0.41
C SER B 85 -13.27 7.59 -0.60
N THR B 86 -14.32 6.95 -1.14
CA THR B 86 -14.17 5.85 -2.09
C THR B 86 -13.55 6.36 -3.43
N PRO B 87 -14.00 7.55 -3.97
CA PRO B 87 -13.37 8.06 -5.21
C PRO B 87 -11.85 8.24 -5.07
N ALA B 88 -11.39 8.62 -3.86
CA ALA B 88 -9.94 8.77 -3.60
C ALA B 88 -9.25 7.40 -3.58
N LEU B 89 -9.87 6.40 -2.91
CA LEU B 89 -9.31 5.04 -2.85
C LEU B 89 -9.32 4.38 -4.23
N ALA B 90 -10.31 4.75 -5.10
CA ALA B 90 -10.41 4.20 -6.45
C ALA B 90 -9.28 4.71 -7.32
N VAL B 91 -8.89 5.99 -7.16
CA VAL B 91 -7.81 6.60 -7.92
C VAL B 91 -6.45 6.02 -7.49
N LEU B 92 -6.22 5.92 -6.17
CA LEU B 92 -4.95 5.42 -5.63
C LEU B 92 -4.70 3.94 -6.04
N ASN B 93 -5.77 3.11 -6.10
CA ASN B 93 -5.65 1.70 -6.51
C ASN B 93 -5.31 1.59 -8.01
N GLU B 94 -5.82 2.53 -8.83
CA GLU B 94 -5.57 2.50 -10.29
C GLU B 94 -4.15 2.97 -10.61
N GLU B 95 -3.67 4.03 -9.91
CA GLU B 95 -2.34 4.58 -10.16
C GLU B 95 -1.23 3.63 -9.67
N GLN B 96 -1.51 2.84 -8.64
CA GLN B 96 -0.52 1.90 -8.11
C GLN B 96 -0.56 0.58 -8.88
N ARG B 97 -1.66 0.35 -9.64
CA ARG B 97 -1.81 -0.86 -10.46
C ARG B 97 -0.63 -1.00 -11.45
N GLY B 98 0.09 -2.12 -11.36
CA GLY B 98 1.24 -2.38 -12.22
C GLY B 98 2.53 -1.76 -11.71
N LYS B 99 2.46 -0.48 -11.26
CA LYS B 99 3.62 0.24 -10.72
C LYS B 99 4.12 -0.43 -9.44
N LYS B 100 5.25 -1.14 -9.52
CA LYS B 100 5.80 -1.88 -8.39
C LYS B 100 6.55 -0.94 -7.42
N HIS B 101 7.02 0.22 -7.92
CA HIS B 101 7.81 1.15 -7.10
C HIS B 101 7.19 2.56 -7.08
N SER B 102 7.00 3.11 -5.89
CA SER B 102 6.47 4.47 -5.72
C SER B 102 7.14 5.16 -4.52
N ALA B 103 7.52 6.44 -4.68
CA ALA B 103 8.19 7.20 -3.62
C ALA B 103 7.21 8.12 -2.86
N SER B 104 5.90 8.01 -3.15
CA SER B 104 4.88 8.84 -2.50
C SER B 104 3.55 8.10 -2.43
N HIS B 105 3.06 7.84 -1.20
CA HIS B 105 1.79 7.13 -1.01
C HIS B 105 0.75 8.02 -0.35
N ALA B 106 -0.52 7.92 -0.82
CA ALA B 106 -1.65 8.69 -0.25
C ALA B 106 -1.30 10.19 -0.08
N ALA B 107 -0.65 10.79 -1.09
CA ALA B 107 -0.25 12.21 -1.04
C ALA B 107 -1.48 13.12 -1.21
N ILE B 108 -1.74 13.99 -0.22
CA ILE B 108 -2.91 14.88 -0.24
C ILE B 108 -2.49 16.34 0.03
N TRP B 109 -3.35 17.31 -0.35
CA TRP B 109 -3.14 18.74 -0.06
C TRP B 109 -4.50 19.42 0.29
N ASN B 110 -4.46 20.58 1.01
CA ASN B 110 -5.68 21.20 1.56
C ASN B 110 -6.47 22.02 0.48
N GLY B 111 -6.06 21.90 -0.79
CA GLY B 111 -6.76 22.51 -1.92
C GLY B 111 -6.67 24.03 -1.98
N ASN B 112 -5.76 24.62 -1.20
CA ASN B 112 -5.59 26.07 -1.16
C ASN B 112 -4.32 26.48 -1.94
N THR B 113 -4.49 27.30 -3.02
CA THR B 113 -3.36 27.71 -3.88
C THR B 113 -2.81 29.09 -3.46
N ARG B 114 -3.52 29.79 -2.53
CA ARG B 114 -3.07 31.10 -2.04
C ARG B 114 -1.68 30.99 -1.39
N PRO B 115 -0.80 32.00 -1.57
CA PRO B 115 0.57 31.88 -1.02
C PRO B 115 0.57 31.74 0.51
N ASN B 116 1.33 30.72 1.01
CA ASN B 116 1.52 30.46 2.44
C ASN B 116 0.20 29.94 3.13
N GLU B 117 -0.90 29.78 2.35
CA GLU B 117 -2.18 29.30 2.91
C GLU B 117 -2.43 27.82 2.59
N GLY B 118 -1.47 27.20 1.90
CA GLY B 118 -1.56 25.79 1.52
C GLY B 118 -0.92 24.84 2.52
N ALA B 119 -1.28 23.56 2.42
CA ALA B 119 -0.70 22.50 3.25
C ALA B 119 -0.79 21.18 2.53
N SER B 120 0.10 20.24 2.87
CA SER B 120 0.12 18.93 2.24
C SER B 120 0.74 17.88 3.17
N SER B 122 2.08 13.29 3.04
CA SER B 122 2.22 12.04 2.29
C SER B 122 2.90 10.97 3.12
N CYS B 123 2.72 9.71 2.75
CA CYS B 123 3.37 8.59 3.41
C CYS B 123 4.38 7.97 2.50
N HIS B 124 5.33 7.23 3.09
CA HIS B 124 6.31 6.46 2.32
CA HIS B 124 6.32 6.48 2.34
C HIS B 124 6.51 5.11 2.97
N VAL B 125 5.69 4.12 2.58
CA VAL B 125 5.72 2.80 3.18
C VAL B 125 6.63 1.86 2.37
N SER B 126 7.60 1.21 3.05
CA SER B 126 8.44 0.17 2.42
C SER B 126 7.91 -1.22 2.76
N ASP B 127 7.69 -2.06 1.74
CA ASP B 127 7.10 -3.38 1.96
C ASP B 127 8.11 -4.36 2.56
N GLU B 128 9.43 -4.15 2.30
CA GLU B 128 10.47 -5.06 2.82
C GLU B 128 10.70 -4.85 4.34
N LYS B 129 10.35 -3.65 4.85
CA LYS B 129 10.42 -3.30 6.29
C LYS B 129 11.88 -3.32 6.84
N VAL B 130 12.88 -3.37 5.94
CA VAL B 130 14.27 -3.21 6.35
C VAL B 130 14.55 -1.72 6.55
N LEU B 131 14.13 -0.90 5.57
CA LEU B 131 14.17 0.56 5.71
C LEU B 131 12.93 1.06 6.48
N PRO B 132 13.03 2.19 7.22
CA PRO B 132 11.87 2.65 8.00
C PRO B 132 10.82 3.30 7.12
N ASP B 133 9.54 3.22 7.54
CA ASP B 133 8.45 3.93 6.87
C ASP B 133 8.51 5.42 7.23
N ARG B 134 7.96 6.28 6.38
CA ARG B 134 8.06 7.71 6.62
C ARG B 134 6.70 8.40 6.47
N PHE B 135 6.53 9.51 7.19
CA PHE B 135 5.40 10.40 7.05
C PHE B 135 5.86 11.82 7.18
N SER B 136 5.38 12.69 6.30
CA SER B 136 5.76 14.10 6.36
C SER B 136 4.59 15.00 6.06
N THR B 137 4.58 16.19 6.66
CA THR B 137 3.54 17.17 6.40
C THR B 137 4.19 18.58 6.24
N ARG B 138 3.71 19.35 5.24
CA ARG B 138 4.19 20.73 4.98
C ARG B 138 3.06 21.71 5.23
N LEU B 139 3.36 22.85 5.90
CA LEU B 139 2.29 23.75 6.39
C LEU B 139 2.45 25.22 5.90
N GLY B 140 3.68 25.64 5.67
CA GLY B 140 3.97 27.02 5.30
C GLY B 140 4.69 27.79 6.38
N VAL B 141 5.16 29.01 6.06
CA VAL B 141 5.95 29.84 6.98
C VAL B 141 5.10 30.25 8.21
N PRO B 142 5.58 29.97 9.45
CA PRO B 142 4.81 30.35 10.64
C PRO B 142 4.81 31.88 10.85
N ASP B 143 3.62 32.44 11.11
CA ASP B 143 3.47 33.88 11.33
C ASP B 143 3.62 34.21 12.85
N CYS B 144 3.31 35.45 13.24
CA CYS B 144 3.42 35.89 14.65
C CYS B 144 2.39 35.14 15.54
N TYR B 145 1.26 34.67 14.94
CA TYR B 145 0.22 33.94 15.68
C TYR B 145 0.48 32.41 15.71
N ALA B 146 1.77 32.01 15.60
CA ALA B 146 2.12 30.58 15.62
C ALA B 146 2.66 30.18 17.01
N LYS B 147 1.79 29.63 17.86
CA LYS B 147 2.18 29.20 19.20
C LYS B 147 2.91 27.86 19.14
N SER B 148 3.89 27.65 20.04
CA SER B 148 4.62 26.39 20.10
C SER B 148 3.71 25.25 20.59
N GLN B 149 2.72 25.58 21.46
CA GLN B 149 1.77 24.59 21.96
C GLN B 149 0.91 24.02 20.81
N ASP B 150 0.57 24.88 19.82
CA ASP B 150 -0.18 24.46 18.63
C ASP B 150 0.60 23.38 17.84
N LEU B 151 1.93 23.60 17.63
CA LEU B 151 2.78 22.63 16.93
C LEU B 151 2.95 21.35 17.76
N ALA B 152 3.09 21.50 19.09
CA ALA B 152 3.18 20.35 19.99
C ALA B 152 1.95 19.46 19.87
N ASP B 153 0.75 20.08 19.73
CA ASP B 153 -0.52 19.34 19.56
C ASP B 153 -0.51 18.53 18.26
N VAL B 154 0.03 19.12 17.18
CA VAL B 154 0.08 18.44 15.88
C VAL B 154 1.09 17.27 15.94
N VAL B 155 2.24 17.48 16.61
CA VAL B 155 3.28 16.44 16.76
C VAL B 155 2.73 15.25 17.61
N THR B 156 2.01 15.56 18.74
CA THR B 156 1.46 14.52 19.62
CA THR B 156 1.45 14.51 19.61
C THR B 156 0.43 13.67 18.84
N THR B 157 -0.40 14.32 17.99
CA THR B 157 -1.37 13.60 17.17
C THR B 157 -0.65 12.64 16.19
N ILE B 158 0.49 13.09 15.62
CA ILE B 158 1.29 12.27 14.70
C ILE B 158 1.93 11.08 15.46
N VAL B 159 2.37 11.33 16.71
CA VAL B 159 2.95 10.28 17.56
C VAL B 159 1.89 9.19 17.87
N ALA B 160 0.65 9.62 18.15
CA ALA B 160 -0.44 8.68 18.46
C ALA B 160 -0.90 7.91 17.20
N ALA B 161 -0.76 8.53 16.01
CA ALA B 161 -1.26 7.94 14.75
C ALA B 161 -0.21 7.01 14.08
N PHE B 162 1.10 7.25 14.33
CA PHE B 162 2.15 6.49 13.63
C PHE B 162 3.11 5.77 14.61
N ASN B 163 3.02 6.06 15.95
CA ASN B 163 3.96 5.51 16.96
C ASN B 163 5.43 5.57 16.42
N PRO B 164 5.94 6.78 16.10
CA PRO B 164 7.20 6.86 15.36
C PRO B 164 8.44 6.65 16.23
N LEU B 165 9.59 6.47 15.57
CA LEU B 165 10.89 6.35 16.24
C LEU B 165 11.54 7.71 16.37
N VAL B 166 11.00 8.72 15.64
CA VAL B 166 11.52 10.10 15.64
C VAL B 166 10.57 11.03 14.87
N VAL B 167 10.36 12.24 15.37
CA VAL B 167 9.62 13.27 14.64
C VAL B 167 10.46 14.56 14.63
N GLU B 168 10.73 15.10 13.44
CA GLU B 168 11.48 16.35 13.30
C GLU B 168 10.54 17.47 12.87
N ALA B 169 10.58 18.59 13.60
CA ALA B 169 9.76 19.75 13.25
C ALA B 169 10.63 20.98 13.14
N SER B 170 10.74 21.54 11.92
CA SER B 170 11.59 22.69 11.66
C SER B 170 11.25 23.33 10.31
N PRO B 171 11.49 24.67 10.15
CA PRO B 171 11.26 25.28 8.83
C PRO B 171 12.24 24.74 7.80
N GLU B 172 11.82 24.67 6.54
CA GLU B 172 12.66 24.14 5.47
C GLU B 172 13.98 24.94 5.39
N GLY B 173 15.10 24.20 5.36
CA GLY B 173 16.42 24.81 5.33
C GLY B 173 17.18 24.69 6.64
N TYR B 174 16.52 24.16 7.70
CA TYR B 174 17.20 24.00 9.00
C TYR B 174 18.23 22.86 8.95
N PHE B 175 18.01 21.84 8.09
CA PHE B 175 18.92 20.69 8.00
C PHE B 175 20.38 21.14 7.72
N ASP B 176 20.54 22.19 6.91
CA ASP B 176 21.88 22.73 6.59
C ASP B 176 22.49 23.44 7.82
N LYS B 177 21.66 23.73 8.86
CA LYS B 177 22.10 24.47 10.04
C LYS B 177 22.30 23.54 11.26
N GLN B 178 21.77 22.28 11.21
CA GLN B 178 21.89 21.36 12.36
C GLN B 178 23.36 20.86 12.53
N VAL B 179 23.78 20.62 13.80
CA VAL B 179 25.17 20.22 14.12
C VAL B 179 25.55 18.94 13.39
N PHE B 180 24.72 17.90 13.51
CA PHE B 180 25.04 16.60 12.94
C PHE B 180 24.12 16.30 11.75
N ASP B 181 24.72 16.16 10.55
CA ASP B 181 23.95 15.85 9.35
C ASP B 181 23.56 14.35 9.29
N ASP B 182 24.26 13.51 10.09
CA ASP B 182 24.01 12.06 10.13
C ASP B 182 23.01 11.71 11.27
N LYS B 183 22.58 12.71 12.03
CA LYS B 183 21.65 12.52 13.14
C LYS B 183 20.46 13.49 13.01
N PRO B 184 19.26 13.13 13.57
CA PRO B 184 18.11 14.06 13.50
C PRO B 184 18.42 15.44 14.10
N GLY B 185 17.78 16.47 13.56
CA GLY B 185 17.91 17.83 14.06
C GLY B 185 16.84 18.18 15.07
N VAL B 186 17.17 19.08 16.01
CA VAL B 186 16.21 19.52 17.01
C VAL B 186 15.24 20.55 16.40
N GLY B 187 15.79 21.48 15.60
CA GLY B 187 15.00 22.54 14.98
C GLY B 187 14.10 23.25 15.97
N TRP B 188 12.80 23.37 15.65
CA TRP B 188 11.83 23.89 16.60
C TRP B 188 11.54 22.85 17.68
N LEU B 190 11.76 18.30 18.60
CA LEU B 190 12.21 16.96 18.28
C LEU B 190 11.57 15.94 19.22
N TYR B 191 10.82 14.98 18.67
CA TYR B 191 10.25 13.89 19.46
C TYR B 191 11.14 12.66 19.40
N LEU B 192 11.42 12.07 20.55
CA LEU B 192 12.14 10.81 20.66
C LEU B 192 11.39 9.86 21.58
N PRO B 193 11.28 8.57 21.23
CA PRO B 193 10.50 7.65 22.08
C PRO B 193 11.27 7.24 23.36
N LYS B 194 11.80 8.24 24.08
CA LYS B 194 12.51 8.04 25.34
C LYS B 194 12.10 9.08 26.34
N VAL B 195 12.22 8.76 27.64
CA VAL B 195 11.93 9.72 28.70
C VAL B 195 13.14 10.62 28.89
N ILE B 196 13.05 11.86 28.42
CA ILE B 196 14.16 12.81 28.50
C ILE B 196 13.84 13.88 29.56
N THR B 197 14.77 14.08 30.52
CA THR B 197 14.52 14.93 31.69
C THR B 197 15.25 16.27 31.60
N GLN B 198 14.88 17.20 32.50
CA GLN B 198 15.51 18.51 32.63
C GLN B 198 16.98 18.38 33.00
N GLN B 199 17.31 17.38 33.84
CA GLN B 199 18.69 17.12 34.26
C GLN B 199 19.57 16.72 33.05
N GLN B 200 18.97 16.00 32.07
CA GLN B 200 19.69 15.56 30.88
C GLN B 200 19.89 16.70 29.89
N VAL B 201 18.83 17.51 29.63
CA VAL B 201 18.91 18.60 28.65
C VAL B 201 18.48 19.92 29.31
N PRO B 202 19.42 20.61 30.03
CA PRO B 202 19.02 21.83 30.74
C PRO B 202 18.83 23.03 29.78
N GLU B 203 19.27 22.91 28.50
CA GLU B 203 19.12 23.98 27.49
C GLU B 203 17.70 24.03 26.92
N ALA B 204 16.97 22.89 26.97
CA ALA B 204 15.63 22.80 26.37
C ALA B 204 14.66 23.81 27.01
N ARG B 205 13.91 24.54 26.16
CA ARG B 205 12.95 25.54 26.64
C ARG B 205 11.68 24.86 27.15
N ALA B 206 11.40 23.65 26.66
CA ALA B 206 10.26 22.84 27.13
C ALA B 206 10.50 21.36 26.85
N LEU B 207 10.08 20.50 27.77
CA LEU B 207 10.14 19.05 27.60
C LEU B 207 8.76 18.46 27.81
N ILE B 208 8.01 18.29 26.72
CA ILE B 208 6.63 17.85 26.78
C ILE B 208 6.55 16.32 26.78
N PRO B 209 6.10 15.71 27.91
CA PRO B 209 5.97 14.24 27.92
C PRO B 209 4.79 13.77 27.06
N VAL B 210 5.01 12.71 26.27
CA VAL B 210 3.94 12.13 25.46
C VAL B 210 3.53 10.77 26.04
N SER B 211 2.27 10.65 26.47
CA SER B 211 1.81 9.43 27.16
C SER B 211 0.98 8.55 26.24
N ALA B 212 1.06 7.22 26.46
CA ALA B 212 0.26 6.23 25.73
C ALA B 212 0.34 4.89 26.42
N LYS B 213 -0.79 4.16 26.47
CA LYS B 213 -0.87 2.81 27.04
C LYS B 213 -0.27 2.76 28.48
N GLY B 214 -0.64 3.73 29.31
CA GLY B 214 -0.34 3.72 30.74
C GLY B 214 1.09 4.08 31.12
N LYS B 215 1.82 4.81 30.25
CA LYS B 215 3.18 5.26 30.57
C LYS B 215 3.66 6.35 29.59
N GLN B 216 4.74 7.07 29.97
CA GLN B 216 5.35 8.07 29.09
C GLN B 216 6.06 7.37 27.95
N THR B 217 5.55 7.53 26.73
CA THR B 217 6.10 6.87 25.54
C THR B 217 7.37 7.60 25.05
N GLY B 218 7.33 8.93 25.09
CA GLY B 218 8.45 9.74 24.64
C GLY B 218 8.42 11.16 25.14
N THR B 219 9.26 12.01 24.57
CA THR B 219 9.35 13.41 24.98
C THR B 219 9.52 14.29 23.77
N ILE B 220 8.79 15.42 23.72
CA ILE B 220 9.03 16.44 22.70
C ILE B 220 10.00 17.48 23.27
N ILE B 221 11.14 17.67 22.60
CA ILE B 221 12.13 18.64 23.03
C ILE B 221 11.92 19.95 22.26
N VAL B 222 11.67 21.05 23.00
CA VAL B 222 11.39 22.34 22.34
C VAL B 222 12.57 23.33 22.58
N SER B 223 13.06 23.95 21.49
CA SER B 223 14.19 24.87 21.57
C SER B 223 13.71 26.30 21.80
N VAL B 224 12.58 26.69 21.17
CA VAL B 224 12.06 28.06 21.24
C VAL B 224 10.57 28.04 21.61
N THR B 225 10.18 28.82 22.65
CA THR B 225 8.79 28.86 23.11
C THR B 225 8.24 30.30 23.12
N ASP B 226 9.12 31.30 22.93
CA ASP B 226 8.71 32.72 23.03
C ASP B 226 8.20 33.25 21.68
N ALA B 227 8.59 32.61 20.57
CA ALA B 227 8.22 33.05 19.23
C ALA B 227 8.29 31.89 18.23
N PRO B 228 7.70 32.02 17.01
CA PRO B 228 7.86 30.96 16.01
C PRO B 228 9.33 30.78 15.62
N PHE B 229 9.79 29.52 15.53
CA PHE B 229 11.20 29.23 15.20
C PHE B 229 11.55 29.76 13.82
N SER B 230 12.64 30.53 13.73
CA SER B 230 13.10 31.07 12.45
C SER B 230 14.51 30.59 12.14
N VAL B 231 14.71 30.06 10.93
CA VAL B 231 16.04 29.62 10.47
C VAL B 231 16.93 30.86 10.26
N ASP B 232 16.29 32.03 10.01
CA ASP B 232 17.00 33.30 9.79
C ASP B 232 17.45 33.94 11.13
N ASN B 233 16.93 33.42 12.27
CA ASN B 233 17.31 33.93 13.59
C ASN B 233 18.52 33.13 14.15
N PRO B 234 19.72 33.76 14.24
CA PRO B 234 20.91 33.00 14.70
C PRO B 234 20.77 32.49 16.15
N GLU B 235 19.94 33.17 16.98
CA GLU B 235 19.70 32.74 18.37
C GLU B 235 18.89 31.43 18.41
N HIS B 236 17.87 31.32 17.54
CA HIS B 236 17.05 30.10 17.46
C HIS B 236 17.88 28.91 17.01
N VAL B 237 18.74 29.12 15.99
CA VAL B 237 19.62 28.07 15.48
C VAL B 237 20.66 27.67 16.55
N ALA B 238 21.25 28.65 17.26
CA ALA B 238 22.30 28.41 18.25
C ALA B 238 21.77 27.55 19.44
N ILE B 239 20.54 27.79 19.89
CA ILE B 239 20.00 27.04 21.02
C ILE B 239 19.58 25.60 20.55
N ALA B 240 19.04 25.48 19.32
CA ALA B 240 18.72 24.17 18.76
C ALA B 240 20.00 23.35 18.57
N ASN B 241 21.11 24.04 18.15
CA ASN B 241 22.42 23.41 17.99
C ASN B 241 22.99 22.95 19.34
N ARG B 242 22.88 23.79 20.40
CA ARG B 242 23.33 23.44 21.75
C ARG B 242 22.59 22.20 22.28
N ILE B 243 21.27 22.11 22.02
CA ILE B 243 20.46 20.96 22.45
C ILE B 243 20.91 19.68 21.72
N GLU B 244 21.23 19.79 20.40
CA GLU B 244 21.71 18.65 19.62
C GLU B 244 23.03 18.11 20.19
N ILE B 245 23.98 19.02 20.53
CA ILE B 245 25.27 18.65 21.12
C ILE B 245 25.06 17.98 22.50
N ARG B 246 24.13 18.53 23.33
CA ARG B 246 23.82 17.97 24.64
C ARG B 246 23.30 16.52 24.51
N LEU B 247 22.41 16.27 23.53
CA LEU B 247 21.82 14.94 23.32
C LEU B 247 22.88 13.91 22.88
N VAL B 248 23.81 14.30 22.02
CA VAL B 248 24.85 13.39 21.52
C VAL B 248 25.91 13.13 22.61
N ASP B 249 26.12 14.11 23.50
CA ASP B 249 27.06 13.95 24.61
C ASP B 249 26.57 12.86 25.60
N GLN B 250 25.24 12.62 25.65
CA GLN B 250 24.66 11.62 26.55
C GLN B 250 24.14 10.39 25.78
N ASP B 251 24.55 10.25 24.49
CA ASP B 251 24.13 9.13 23.63
C ASP B 251 22.59 8.98 23.59
N LEU B 252 21.87 10.11 23.40
CA LEU B 252 20.41 10.13 23.35
C LEU B 252 19.91 10.37 21.92
N LEU B 253 20.80 10.76 21.01
CA LEU B 253 20.44 11.04 19.63
C LEU B 253 20.96 9.93 18.68
N PRO B 254 20.07 9.10 18.12
CA PRO B 254 20.54 8.02 17.23
C PRO B 254 20.89 8.54 15.85
N ALA B 255 21.70 7.79 15.11
CA ALA B 255 22.00 8.13 13.72
C ALA B 255 20.84 7.70 12.83
N TYR B 256 20.63 8.43 11.71
CA TYR B 256 19.55 8.09 10.76
C TYR B 256 19.65 6.62 10.31
N VAL B 257 20.88 6.16 9.98
CA VAL B 257 21.14 4.80 9.47
C VAL B 257 20.77 3.72 10.54
N ASP B 258 20.87 4.09 11.83
CA ASP B 258 20.63 3.13 12.92
C ASP B 258 19.11 3.01 13.26
N ILE B 259 18.28 3.95 12.75
CA ILE B 259 16.84 3.94 13.02
C ILE B 259 16.14 2.84 12.19
#